data_9OLY
#
_entry.id   9OLY
#
_cell.length_a   167.298
_cell.length_b   55.540
_cell.length_c   120.676
_cell.angle_alpha   90.00
_cell.angle_beta   129.63
_cell.angle_gamma   90.00
#
_symmetry.space_group_name_H-M   'C 1 2 1'
#
loop_
_entity.id
_entity.type
_entity.pdbx_description
1 polymer "Bis(5'-nucleosyl)-tetraphosphatase [symmetrical]"
2 non-polymer 'MANGANESE (II) ION'
3 non-polymer 'SULFATE ION'
4 non-polymer '4-(2-HYDROXYETHYL)-1-PIPERAZINE ETHANESULFONIC ACID'
5 water water
#
_entity_poly.entity_id   1
_entity_poly.type   'polypeptide(L)'
_entity_poly.pdbx_seq_one_letter_code
;MATYLIGDVHGCYDELIALLHKVEFTPGKDTLWLTGALVARGPGSLDVLRYVKSLGDSVRLVLGNHDLHLLAVFAGISRN
KPKDRLTPLLEAPDADELLNWLRRQPLLQIDEEKKLVMAHAGITPQWDLQTAKECARDVEAVLSSDSYPFFLDAMYGDMP
NNWSPELRGLGRLRFITNAFTRMRFCFPNGQLDMYSKESPEEAPAPLKPWFAIPGPVAEEYSIAFGHWASLEGKGTPEGI
YALDTGCCWGGTLTCLRWEDKQYFVQPSNRHKDLGEAAASHHHHHH
;
_entity_poly.pdbx_strand_id   A,B
#
loop_
_chem_comp.id
_chem_comp.type
_chem_comp.name
_chem_comp.formula
EPE non-polymer '4-(2-HYDROXYETHYL)-1-PIPERAZINE ETHANESULFONIC ACID' 'C8 H18 N2 O4 S'
MN non-polymer 'MANGANESE (II) ION' 'Mn 2'
SO4 non-polymer 'SULFATE ION' 'O4 S -2'
#
# COMPACT_ATOMS: atom_id res chain seq x y z
N ALA A 2 35.65 -6.15 11.98
CA ALA A 2 34.38 -5.72 12.55
C ALA A 2 33.22 -6.37 11.80
N THR A 3 32.02 -6.32 12.40
CA THR A 3 30.83 -6.92 11.79
C THR A 3 29.73 -5.87 11.69
N TYR A 4 29.26 -5.62 10.48
CA TYR A 4 28.25 -4.60 10.21
C TYR A 4 26.95 -5.21 9.70
N LEU A 5 25.82 -4.70 10.19
CA LEU A 5 24.50 -5.14 9.75
C LEU A 5 23.72 -3.94 9.23
N ILE A 6 23.24 -4.02 8.00
CA ILE A 6 22.48 -2.95 7.38
C ILE A 6 21.14 -3.52 6.95
N GLY A 7 20.09 -2.70 7.12
CA GLY A 7 18.74 -3.07 6.77
C GLY A 7 18.44 -2.88 5.30
N ASP A 8 17.15 -2.81 5.01
CA ASP A 8 16.64 -2.89 3.64
C ASP A 8 17.19 -1.76 2.76
N VAL A 9 17.88 -2.15 1.69
CA VAL A 9 18.55 -1.19 0.83
C VAL A 9 17.64 -0.67 -0.28
N HIS A 10 16.81 -1.54 -0.86
CA HIS A 10 15.83 -1.13 -1.86
C HIS A 10 16.45 -0.22 -2.92
N GLY A 11 17.51 -0.70 -3.56
CA GLY A 11 18.07 0.01 -4.69
C GLY A 11 18.69 1.33 -4.36
N CYS A 12 18.99 1.58 -3.08
CA CYS A 12 19.59 2.84 -2.66
C CYS A 12 21.12 2.67 -2.61
N TYR A 13 21.70 2.62 -3.82
CA TYR A 13 23.14 2.37 -3.97
C TYR A 13 23.98 3.49 -3.36
N ASP A 14 23.62 4.75 -3.65
CA ASP A 14 24.42 5.88 -3.16
C ASP A 14 24.52 5.87 -1.64
N GLU A 15 23.36 5.72 -0.96
CA GLU A 15 23.33 5.72 0.50
C GLU A 15 24.12 4.56 1.07
N LEU A 16 24.02 3.39 0.43
CA LEU A 16 24.79 2.24 0.88
C LEU A 16 26.28 2.51 0.82
N ILE A 17 26.76 3.09 -0.28
CA ILE A 17 28.19 3.31 -0.42
C ILE A 17 28.65 4.37 0.58
N ALA A 18 27.86 5.41 0.77
CA ALA A 18 28.21 6.46 1.72
C ALA A 18 28.29 5.92 3.15
N LEU A 19 27.32 5.09 3.55
CA LEU A 19 27.33 4.54 4.90
C LEU A 19 28.49 3.58 5.09
N LEU A 20 28.83 2.80 4.05
CA LEU A 20 29.97 1.89 4.21
C LEU A 20 31.29 2.65 4.29
N HIS A 21 31.39 3.80 3.60
CA HIS A 21 32.58 4.66 3.75
C HIS A 21 32.60 5.32 5.13
N LYS A 22 31.43 5.74 5.64
CA LYS A 22 31.33 6.23 7.02
C LYS A 22 32.06 5.31 8.00
N VAL A 23 31.82 4.00 7.91
CA VAL A 23 32.39 3.07 8.88
C VAL A 23 33.67 2.44 8.36
N GLU A 24 34.19 2.91 7.22
CA GLU A 24 35.43 2.38 6.63
C GLU A 24 35.35 0.88 6.42
N PHE A 25 34.28 0.42 5.79
CA PHE A 25 34.11 -1.01 5.61
C PHE A 25 35.18 -1.55 4.69
N THR A 26 35.94 -2.53 5.19
CA THR A 26 37.08 -3.08 4.45
C THR A 26 36.90 -4.58 4.29
N PRO A 27 36.51 -5.04 3.10
CA PRO A 27 36.40 -6.48 2.87
C PRO A 27 37.69 -7.18 3.26
N GLY A 28 37.55 -8.36 3.84
CA GLY A 28 38.74 -9.05 4.32
C GLY A 28 38.94 -8.87 5.81
N LYS A 29 38.81 -7.65 6.32
CA LYS A 29 38.86 -7.43 7.76
C LYS A 29 37.49 -7.33 8.41
N ASP A 30 36.47 -7.00 7.64
CA ASP A 30 35.11 -6.80 8.13
C ASP A 30 34.16 -7.72 7.39
N THR A 31 32.98 -7.94 7.99
CA THR A 31 31.90 -8.69 7.36
C THR A 31 30.63 -7.84 7.33
N LEU A 32 29.87 -7.97 6.25
CA LEU A 32 28.62 -7.24 6.08
C LEU A 32 27.45 -8.21 6.11
N TRP A 33 26.45 -7.95 6.97
CA TRP A 33 25.19 -8.68 6.96
C TRP A 33 24.12 -7.78 6.36
N LEU A 34 23.34 -8.33 5.44
CA LEU A 34 22.28 -7.57 4.79
C LEU A 34 20.96 -8.31 4.96
N THR A 35 19.92 -7.58 5.40
CA THR A 35 18.60 -8.12 5.70
C THR A 35 17.75 -8.43 4.47
N GLY A 36 18.28 -8.25 3.27
CA GLY A 36 17.52 -8.59 2.09
C GLY A 36 16.71 -7.40 1.63
N ALA A 37 15.95 -7.64 0.55
CA ALA A 37 15.31 -6.56 -0.20
C ALA A 37 16.37 -5.55 -0.66
N LEU A 38 17.34 -6.08 -1.42
CA LEU A 38 18.37 -5.28 -2.07
C LEU A 38 17.82 -4.40 -3.18
N VAL A 39 16.66 -4.75 -3.73
CA VAL A 39 16.22 -4.18 -4.99
C VAL A 39 14.83 -3.60 -4.83
N ALA A 40 14.46 -2.78 -5.83
CA ALA A 40 13.13 -2.20 -6.02
C ALA A 40 12.91 -0.90 -5.25
N ARG A 41 12.00 -0.06 -5.77
CA ARG A 41 11.60 1.22 -5.20
C ARG A 41 12.70 2.26 -5.40
N GLY A 42 13.92 1.95 -4.96
CA GLY A 42 15.05 2.83 -5.10
C GLY A 42 15.60 2.84 -6.51
N PRO A 43 16.44 3.84 -6.85
CA PRO A 43 16.88 3.98 -8.25
C PRO A 43 18.02 3.07 -8.70
N GLY A 44 18.78 2.44 -7.80
CA GLY A 44 19.98 1.74 -8.24
C GLY A 44 20.03 0.24 -8.03
N SER A 45 18.92 -0.46 -8.29
CA SER A 45 18.87 -1.90 -8.03
C SER A 45 20.00 -2.63 -8.73
N LEU A 46 20.29 -2.21 -9.97
CA LEU A 46 21.35 -2.86 -10.74
C LEU A 46 22.70 -2.69 -10.05
N ASP A 47 23.04 -1.46 -9.65
CA ASP A 47 24.33 -1.23 -9.02
C ASP A 47 24.43 -1.97 -7.70
N VAL A 48 23.33 -2.02 -6.95
CA VAL A 48 23.38 -2.68 -5.64
C VAL A 48 23.67 -4.15 -5.82
N LEU A 49 22.97 -4.79 -6.75
CA LEU A 49 23.21 -6.22 -6.96
C LEU A 49 24.64 -6.46 -7.43
N ARG A 50 25.12 -5.66 -8.38
CA ARG A 50 26.50 -5.86 -8.84
C ARG A 50 27.48 -5.82 -7.66
N TYR A 51 27.33 -4.80 -6.80
CA TYR A 51 28.30 -4.60 -5.72
C TYR A 51 28.19 -5.69 -4.65
N VAL A 52 26.97 -5.97 -4.17
CA VAL A 52 26.81 -7.01 -3.15
C VAL A 52 27.39 -8.32 -3.66
N LYS A 53 27.07 -8.68 -4.91
CA LYS A 53 27.60 -9.92 -5.47
C LYS A 53 29.12 -9.90 -5.49
N SER A 54 29.71 -8.77 -5.89
CA SER A 54 31.18 -8.70 -5.93
C SER A 54 31.80 -8.89 -4.56
N LEU A 55 31.06 -8.63 -3.49
CA LEU A 55 31.65 -8.79 -2.16
C LEU A 55 32.01 -10.25 -1.81
N GLY A 56 31.45 -11.23 -2.50
CA GLY A 56 31.79 -12.61 -2.19
C GLY A 56 31.51 -12.95 -0.75
N ASP A 57 32.46 -13.62 -0.09
CA ASP A 57 32.23 -14.11 1.25
C ASP A 57 32.19 -13.01 2.30
N SER A 58 32.53 -11.77 1.94
CA SER A 58 32.50 -10.66 2.90
C SER A 58 31.09 -10.17 3.20
N VAL A 59 30.08 -10.78 2.58
CA VAL A 59 28.68 -10.47 2.86
C VAL A 59 27.95 -11.76 3.21
N ARG A 60 27.01 -11.65 4.15
CA ARG A 60 26.03 -12.68 4.50
C ARG A 60 24.66 -12.07 4.26
N LEU A 61 23.95 -12.61 3.29
CA LEU A 61 22.69 -12.06 2.82
C LEU A 61 21.58 -13.03 3.19
N VAL A 62 20.37 -12.51 3.35
CA VAL A 62 19.16 -13.32 3.29
C VAL A 62 18.23 -12.65 2.29
N LEU A 63 17.44 -13.44 1.59
CA LEU A 63 16.50 -12.88 0.61
C LEU A 63 15.22 -12.39 1.27
N GLY A 64 14.67 -11.29 0.75
CA GLY A 64 13.38 -10.76 1.14
C GLY A 64 12.31 -10.93 0.06
N ASN A 65 11.11 -10.42 0.36
CA ASN A 65 9.99 -10.55 -0.57
C ASN A 65 10.24 -9.80 -1.88
N HIS A 66 10.88 -8.65 -1.84
CA HIS A 66 11.10 -7.94 -3.08
C HIS A 66 12.19 -8.60 -3.92
N ASP A 67 13.16 -9.27 -3.29
CA ASP A 67 14.08 -10.09 -4.07
C ASP A 67 13.33 -11.23 -4.76
N LEU A 68 12.48 -11.92 -4.03
CA LEU A 68 11.71 -12.99 -4.63
C LEU A 68 10.84 -12.47 -5.76
N HIS A 69 10.19 -11.32 -5.54
CA HIS A 69 9.33 -10.76 -6.58
C HIS A 69 10.13 -10.46 -7.83
N LEU A 70 11.30 -9.85 -7.66
CA LEU A 70 12.16 -9.64 -8.82
C LEU A 70 12.44 -10.97 -9.52
N LEU A 71 12.73 -12.02 -8.75
CA LEU A 71 13.00 -13.33 -9.35
C LEU A 71 11.79 -13.81 -10.14
N ALA A 72 10.58 -13.52 -9.64
CA ALA A 72 9.33 -13.92 -10.28
C ALA A 72 9.05 -13.13 -11.55
N VAL A 73 9.27 -11.82 -11.52
CA VAL A 73 9.15 -11.01 -12.73
C VAL A 73 10.10 -11.52 -13.80
N PHE A 74 11.36 -11.71 -13.41
CA PHE A 74 12.40 -12.19 -14.33
C PHE A 74 12.01 -13.49 -15.02
N ALA A 75 11.48 -14.43 -14.26
CA ALA A 75 11.09 -15.72 -14.83
C ALA A 75 9.73 -15.65 -15.51
N GLY A 76 9.16 -14.46 -15.67
CA GLY A 76 7.86 -14.35 -16.33
C GLY A 76 6.70 -14.86 -15.50
N ILE A 77 6.92 -15.15 -14.22
CA ILE A 77 5.83 -15.60 -13.37
C ILE A 77 4.91 -14.46 -12.98
N SER A 78 5.46 -13.28 -12.67
CA SER A 78 4.68 -12.15 -12.21
C SER A 78 5.01 -10.95 -13.07
N ARG A 79 4.10 -9.98 -13.06
CA ARG A 79 4.19 -8.84 -13.95
C ARG A 79 4.92 -7.67 -13.29
N ASN A 80 5.62 -6.90 -14.12
CA ASN A 80 6.46 -5.81 -13.64
C ASN A 80 5.63 -4.60 -13.22
N LYS A 81 5.86 -4.14 -12.02
CA LYS A 81 5.20 -2.95 -11.52
C LYS A 81 6.06 -1.73 -11.80
N PRO A 82 5.54 -0.70 -12.47
CA PRO A 82 6.41 0.47 -12.76
C PRO A 82 7.06 1.07 -11.53
N LYS A 83 6.39 1.01 -10.38
CA LYS A 83 6.93 1.60 -9.17
C LYS A 83 8.19 0.91 -8.67
N ASP A 84 8.42 -0.36 -9.05
CA ASP A 84 9.60 -1.08 -8.59
C ASP A 84 10.90 -0.53 -9.17
N ARG A 85 10.83 0.11 -10.35
CA ARG A 85 12.02 0.60 -11.04
C ARG A 85 13.02 -0.54 -11.29
N LEU A 86 12.54 -1.70 -11.70
CA LEU A 86 13.42 -2.85 -11.91
C LEU A 86 13.93 -2.97 -13.34
N THR A 87 13.47 -2.11 -14.25
CA THR A 87 13.74 -2.33 -15.67
C THR A 87 15.22 -2.27 -16.01
N PRO A 88 16.00 -1.30 -15.52
CA PRO A 88 17.43 -1.31 -15.84
C PRO A 88 18.10 -2.63 -15.46
N LEU A 89 17.75 -3.21 -14.31
CA LEU A 89 18.35 -4.47 -13.89
C LEU A 89 17.90 -5.63 -14.78
N LEU A 90 16.60 -5.69 -15.11
CA LEU A 90 16.09 -6.77 -15.95
C LEU A 90 16.71 -6.74 -17.35
N GLU A 91 17.01 -5.55 -17.86
CA GLU A 91 17.54 -5.36 -19.21
C GLU A 91 19.07 -5.36 -19.26
N ALA A 92 19.74 -5.56 -18.14
CA ALA A 92 21.18 -5.45 -18.16
C ALA A 92 21.79 -6.63 -18.90
N PRO A 93 22.93 -6.45 -19.55
CA PRO A 93 23.55 -7.59 -20.21
C PRO A 93 23.85 -8.73 -19.25
N ASP A 94 24.27 -8.43 -18.03
CA ASP A 94 24.62 -9.47 -17.06
C ASP A 94 23.46 -9.86 -16.15
N ALA A 95 22.22 -9.63 -16.57
CA ALA A 95 21.08 -9.91 -15.70
C ALA A 95 21.03 -11.39 -15.31
N ASP A 96 21.35 -12.29 -16.23
CA ASP A 96 21.37 -13.73 -15.92
C ASP A 96 22.31 -14.04 -14.77
N GLU A 97 23.56 -13.58 -14.88
CA GLU A 97 24.53 -13.84 -13.81
C GLU A 97 24.01 -13.33 -12.48
N LEU A 98 23.48 -12.11 -12.49
CA LEU A 98 23.04 -11.48 -11.25
C LEU A 98 21.88 -12.23 -10.62
N LEU A 99 20.87 -12.57 -11.40
CA LEU A 99 19.73 -13.16 -10.72
C LEU A 99 20.00 -14.62 -10.38
N ASN A 100 20.74 -15.34 -11.21
CA ASN A 100 21.06 -16.73 -10.87
C ASN A 100 21.93 -16.78 -9.63
N TRP A 101 22.82 -15.81 -9.45
CA TRP A 101 23.53 -15.71 -8.19
C TRP A 101 22.55 -15.44 -7.05
N LEU A 102 21.61 -14.50 -7.26
CA LEU A 102 20.73 -14.06 -6.19
C LEU A 102 19.86 -15.22 -5.68
N ARG A 103 19.33 -16.01 -6.59
CA ARG A 103 18.48 -17.12 -6.18
C ARG A 103 19.23 -18.20 -5.42
N ARG A 104 20.56 -18.20 -5.43
CA ARG A 104 21.25 -19.22 -4.67
C ARG A 104 21.48 -18.82 -3.22
N GLN A 105 21.10 -17.59 -2.82
CA GLN A 105 21.41 -17.06 -1.49
C GLN A 105 20.41 -17.57 -0.43
N PRO A 106 20.80 -17.55 0.85
CA PRO A 106 19.99 -18.17 1.90
C PRO A 106 18.81 -17.31 2.34
N LEU A 107 17.89 -17.96 3.06
CA LEU A 107 16.82 -17.24 3.76
C LEU A 107 17.18 -16.93 5.20
N LEU A 108 18.21 -17.58 5.73
CA LEU A 108 18.52 -17.54 7.15
C LEU A 108 20.03 -17.61 7.34
N GLN A 109 20.53 -16.78 8.24
CA GLN A 109 21.95 -16.72 8.59
C GLN A 109 22.09 -16.89 10.10
N ILE A 110 22.93 -17.84 10.53
CA ILE A 110 23.18 -18.09 11.95
C ILE A 110 24.68 -18.00 12.22
N ASP A 111 25.08 -17.23 13.24
CA ASP A 111 26.47 -17.21 13.72
C ASP A 111 26.46 -17.63 15.19
N GLU A 112 27.03 -18.81 15.44
CA GLU A 112 27.00 -19.39 16.78
C GLU A 112 27.84 -18.61 17.78
N GLU A 113 29.00 -18.07 17.35
CA GLU A 113 29.88 -17.34 18.27
C GLU A 113 29.21 -16.09 18.80
N LYS A 114 28.51 -15.36 17.94
CA LYS A 114 27.76 -14.17 18.33
C LYS A 114 26.37 -14.52 18.84
N LYS A 115 25.95 -15.78 18.76
CA LYS A 115 24.58 -16.11 19.13
C LYS A 115 23.63 -15.19 18.39
N LEU A 116 23.83 -15.08 17.09
CA LEU A 116 23.09 -14.13 16.29
C LEU A 116 22.39 -14.83 15.13
N VAL A 117 21.14 -14.46 14.89
CA VAL A 117 20.34 -14.98 13.77
C VAL A 117 19.86 -13.82 12.92
N MET A 118 19.79 -14.05 11.61
CA MET A 118 19.26 -13.08 10.65
C MET A 118 18.25 -13.74 9.72
N ALA A 119 17.12 -13.06 9.50
CA ALA A 119 16.18 -13.39 8.43
C ALA A 119 15.48 -12.10 8.03
N HIS A 120 14.87 -12.09 6.84
CA HIS A 120 14.33 -10.81 6.36
C HIS A 120 13.24 -10.30 7.31
N ALA A 121 12.30 -11.14 7.69
CA ALA A 121 11.20 -10.67 8.52
C ALA A 121 11.31 -11.10 9.99
N GLY A 122 12.23 -11.99 10.32
CA GLY A 122 12.34 -12.48 11.68
C GLY A 122 12.08 -13.98 11.75
N ILE A 123 11.84 -14.49 12.96
CA ILE A 123 11.61 -15.90 13.22
C ILE A 123 10.28 -16.02 13.97
N THR A 124 9.34 -16.77 13.37
CA THR A 124 8.03 -16.96 14.00
C THR A 124 8.20 -17.57 15.39
N PRO A 125 7.46 -17.08 16.37
CA PRO A 125 7.47 -17.76 17.68
C PRO A 125 7.10 -19.24 17.60
N GLN A 126 6.50 -19.72 16.50
CA GLN A 126 6.12 -21.12 16.34
C GLN A 126 7.28 -22.01 15.90
N TRP A 127 8.45 -21.45 15.70
CA TRP A 127 9.60 -22.22 15.23
C TRP A 127 10.67 -22.24 16.30
N ASP A 128 11.29 -23.39 16.48
CA ASP A 128 12.56 -23.46 17.19
C ASP A 128 13.68 -23.41 16.17
N LEU A 129 14.91 -23.32 16.65
CA LEU A 129 16.00 -23.12 15.70
C LEU A 129 16.09 -24.28 14.71
N GLN A 130 15.99 -25.52 15.21
CA GLN A 130 16.10 -26.68 14.34
C GLN A 130 15.10 -26.61 13.17
N THR A 131 13.85 -26.25 13.49
CA THR A 131 12.82 -26.17 12.46
C THR A 131 13.09 -25.03 11.47
N ALA A 132 13.45 -23.84 11.99
CA ALA A 132 13.80 -22.75 11.08
C ALA A 132 14.88 -23.18 10.11
N LYS A 133 15.89 -23.90 10.59
CA LYS A 133 16.97 -24.34 9.71
C LYS A 133 16.45 -25.28 8.62
N GLU A 134 15.66 -26.27 9.03
CA GLU A 134 15.11 -27.21 8.06
C GLU A 134 14.29 -26.49 6.98
N CYS A 135 13.42 -25.56 7.40
CA CYS A 135 12.56 -24.90 6.43
C CYS A 135 13.38 -24.03 5.48
N ALA A 136 14.39 -23.32 6.03
CA ALA A 136 15.25 -22.53 5.16
C ALA A 136 15.91 -23.43 4.14
N ARG A 137 16.40 -24.60 4.56
CA ARG A 137 17.07 -25.49 3.62
C ARG A 137 16.13 -25.89 2.50
N ASP A 138 14.90 -26.28 2.84
CA ASP A 138 13.97 -26.73 1.82
C ASP A 138 13.72 -25.63 0.80
N VAL A 139 13.38 -24.43 1.27
CA VAL A 139 13.05 -23.42 0.28
C VAL A 139 14.28 -23.04 -0.52
N GLU A 140 15.44 -23.03 0.10
CA GLU A 140 16.64 -22.65 -0.65
C GLU A 140 16.93 -23.68 -1.72
N ALA A 141 16.65 -24.96 -1.41
CA ALA A 141 16.84 -26.02 -2.40
C ALA A 141 15.93 -25.81 -3.59
N VAL A 142 14.67 -25.45 -3.34
CA VAL A 142 13.79 -25.17 -4.48
C VAL A 142 14.27 -23.95 -5.25
N LEU A 143 14.68 -22.90 -4.54
CA LEU A 143 15.02 -21.65 -5.21
C LEU A 143 16.23 -21.81 -6.10
N SER A 144 17.20 -22.64 -5.69
CA SER A 144 18.42 -22.85 -6.43
C SER A 144 18.34 -24.01 -7.42
N SER A 145 17.18 -24.66 -7.55
CA SER A 145 17.02 -25.73 -8.53
C SER A 145 16.67 -25.18 -9.91
N ASP A 146 16.80 -26.04 -10.91
CA ASP A 146 16.47 -25.63 -12.27
C ASP A 146 15.00 -25.34 -12.45
N SER A 147 14.17 -25.78 -11.51
CA SER A 147 12.72 -25.60 -11.58
C SER A 147 12.25 -24.48 -10.66
N TYR A 148 13.09 -23.48 -10.42
CA TYR A 148 12.71 -22.43 -9.49
C TYR A 148 11.42 -21.71 -9.90
N PRO A 149 11.11 -21.48 -11.18
CA PRO A 149 9.84 -20.78 -11.50
C PRO A 149 8.59 -21.51 -11.01
N PHE A 150 8.59 -22.85 -10.97
CA PHE A 150 7.43 -23.52 -10.37
C PHE A 150 7.32 -23.19 -8.89
N PHE A 151 8.43 -23.17 -8.14
CA PHE A 151 8.28 -22.73 -6.75
C PHE A 151 7.80 -21.29 -6.66
N LEU A 152 8.44 -20.39 -7.41
CA LEU A 152 8.06 -18.99 -7.28
C LEU A 152 6.57 -18.83 -7.53
N ASP A 153 6.04 -19.55 -8.53
CA ASP A 153 4.62 -19.50 -8.82
C ASP A 153 3.82 -20.07 -7.66
N ALA A 154 4.32 -21.15 -7.06
CA ALA A 154 3.61 -21.78 -5.94
C ALA A 154 3.60 -20.89 -4.70
N MET A 155 4.60 -20.01 -4.53
CA MET A 155 4.81 -19.31 -3.27
C MET A 155 3.69 -18.34 -2.94
N TYR A 156 3.07 -17.71 -3.94
CA TYR A 156 2.04 -16.71 -3.67
C TYR A 156 0.90 -17.34 -2.88
N GLY A 157 0.48 -16.70 -1.82
CA GLY A 157 -0.63 -17.21 -1.03
C GLY A 157 -0.53 -16.74 0.41
N ASP A 158 -1.68 -16.59 1.05
CA ASP A 158 -1.75 -16.14 2.43
C ASP A 158 -2.10 -17.25 3.42
N MET A 159 -2.33 -18.47 2.95
CA MET A 159 -2.63 -19.62 3.79
C MET A 159 -1.71 -20.79 3.47
N PRO A 160 -1.46 -21.66 4.45
CA PRO A 160 -1.93 -21.62 5.84
C PRO A 160 -1.09 -20.65 6.65
N ASN A 161 -1.61 -20.13 7.75
CA ASN A 161 -0.87 -19.17 8.55
C ASN A 161 -0.56 -19.70 9.94
N ASN A 162 -0.71 -20.99 10.17
CA ASN A 162 -0.41 -21.61 11.46
C ASN A 162 0.51 -22.78 11.23
N TRP A 163 1.71 -22.75 11.80
CA TRP A 163 2.67 -23.79 11.50
C TRP A 163 2.33 -25.08 12.23
N SER A 164 2.53 -26.22 11.54
CA SER A 164 2.48 -27.55 12.11
C SER A 164 3.49 -28.40 11.34
N PRO A 165 4.23 -29.27 12.02
CA PRO A 165 5.16 -30.18 11.30
C PRO A 165 4.46 -31.15 10.35
N GLU A 166 3.12 -31.18 10.34
CA GLU A 166 2.34 -32.03 9.46
C GLU A 166 1.97 -31.37 8.13
N LEU A 167 2.17 -30.05 8.01
CA LEU A 167 1.96 -29.37 6.74
C LEU A 167 2.83 -30.00 5.66
N ARG A 168 2.24 -30.22 4.49
CA ARG A 168 2.92 -30.85 3.37
C ARG A 168 2.79 -29.99 2.12
N GLY A 169 3.70 -30.20 1.19
CA GLY A 169 3.46 -29.64 -0.13
C GLY A 169 3.34 -28.13 -0.16
N LEU A 170 2.39 -27.67 -0.96
CA LEU A 170 2.31 -26.25 -1.30
C LEU A 170 2.02 -25.42 -0.07
N GLY A 171 1.22 -25.95 0.84
CA GLY A 171 0.95 -25.23 2.07
C GLY A 171 2.21 -24.99 2.86
N ARG A 172 3.02 -26.04 3.02
N ARG A 172 3.02 -26.04 3.02
CA ARG A 172 4.26 -25.92 3.78
CA ARG A 172 4.25 -25.91 3.79
C ARG A 172 5.19 -24.89 3.14
C ARG A 172 5.19 -24.88 3.14
N LEU A 173 5.34 -24.94 1.82
CA LEU A 173 6.21 -23.97 1.15
C LEU A 173 5.71 -22.55 1.32
N ARG A 174 4.40 -22.35 1.13
CA ARG A 174 3.84 -21.01 1.27
C ARG A 174 4.06 -20.47 2.67
N PHE A 175 3.74 -21.26 3.69
CA PHE A 175 3.92 -20.78 5.05
C PHE A 175 5.38 -20.44 5.33
N ILE A 176 6.31 -21.32 4.92
CA ILE A 176 7.71 -21.00 5.15
C ILE A 176 8.05 -19.64 4.53
N THR A 177 7.62 -19.43 3.29
CA THR A 177 8.06 -18.23 2.60
C THR A 177 7.45 -16.99 3.25
N ASN A 178 6.18 -17.07 3.63
CA ASN A 178 5.53 -15.95 4.32
C ASN A 178 6.19 -15.64 5.66
N ALA A 179 6.49 -16.70 6.44
CA ALA A 179 7.15 -16.49 7.74
C ALA A 179 8.50 -15.79 7.58
N PHE A 180 9.30 -16.22 6.61
CA PHE A 180 10.64 -15.66 6.49
C PHE A 180 10.61 -14.26 5.87
N THR A 181 9.72 -14.02 4.92
CA THR A 181 9.84 -12.82 4.12
C THR A 181 8.69 -11.84 4.26
N ARG A 182 7.61 -12.19 4.94
CA ARG A 182 6.44 -11.32 4.97
C ARG A 182 5.90 -11.05 6.35
N MET A 183 6.25 -11.87 7.33
CA MET A 183 5.71 -11.77 8.69
C MET A 183 5.82 -10.37 9.27
N ARG A 184 4.77 -9.98 9.99
CA ARG A 184 4.75 -8.78 10.81
C ARG A 184 4.08 -9.07 12.16
N PHE A 185 2.75 -9.00 12.21
CA PHE A 185 2.00 -9.23 13.44
C PHE A 185 1.62 -10.69 13.61
N CYS A 186 1.39 -11.08 14.87
CA CYS A 186 0.97 -12.43 15.21
C CYS A 186 -0.30 -12.41 16.05
N PHE A 187 -1.13 -13.45 15.91
CA PHE A 187 -2.17 -13.70 16.88
C PHE A 187 -1.55 -14.34 18.14
N PRO A 188 -2.22 -14.24 19.31
CA PRO A 188 -1.65 -14.82 20.56
C PRO A 188 -1.15 -16.26 20.43
N ASN A 189 -1.80 -17.09 19.59
CA ASN A 189 -1.28 -18.44 19.41
C ASN A 189 -0.04 -18.49 18.49
N GLY A 190 0.47 -17.36 18.02
CA GLY A 190 1.61 -17.36 17.13
C GLY A 190 1.25 -17.45 15.66
N GLN A 191 -0.04 -17.52 15.35
CA GLN A 191 -0.47 -17.61 13.96
C GLN A 191 -0.22 -16.29 13.23
N LEU A 192 0.22 -16.39 11.98
CA LEU A 192 0.54 -15.20 11.19
C LEU A 192 -0.71 -14.43 10.78
N ASP A 193 -0.64 -13.11 10.84
CA ASP A 193 -1.63 -12.25 10.20
C ASP A 193 -0.98 -11.58 9.01
N MET A 194 -1.53 -11.79 7.83
CA MET A 194 -0.85 -11.39 6.60
C MET A 194 -1.37 -10.08 6.05
N TYR A 195 -2.15 -9.32 6.83
CA TYR A 195 -2.84 -8.12 6.36
C TYR A 195 -2.40 -6.82 7.04
N SER A 196 -2.14 -6.84 8.33
CA SER A 196 -1.78 -5.61 9.03
C SER A 196 -0.33 -5.23 8.73
N LYS A 197 -0.13 -3.97 8.35
CA LYS A 197 1.20 -3.50 7.97
C LYS A 197 1.60 -2.23 8.72
N GLU A 198 0.85 -1.84 9.75
CA GLU A 198 1.07 -0.59 10.48
C GLU A 198 2.04 -0.79 11.64
N SER A 199 2.30 0.29 12.39
CA SER A 199 3.13 0.17 13.58
C SER A 199 2.39 -0.53 14.71
N PRO A 200 3.12 -1.13 15.66
CA PRO A 200 2.44 -1.83 16.77
C PRO A 200 1.47 -0.96 17.56
N GLU A 201 1.79 0.32 17.77
CA GLU A 201 0.90 1.17 18.56
C GLU A 201 -0.47 1.30 17.91
N GLU A 202 -0.52 1.37 16.57
CA GLU A 202 -1.73 1.63 15.81
C GLU A 202 -2.39 0.37 15.24
N ALA A 203 -1.91 -0.82 15.58
CA ALA A 203 -2.52 -2.04 15.08
C ALA A 203 -3.78 -2.39 15.89
N PRO A 204 -4.68 -3.20 15.32
CA PRO A 204 -5.84 -3.69 16.07
C PRO A 204 -5.51 -4.85 16.99
N ALA A 205 -6.29 -4.98 18.07
CA ALA A 205 -6.15 -6.14 18.94
C ALA A 205 -6.78 -7.37 18.26
N PRO A 206 -6.36 -8.57 18.63
CA PRO A 206 -5.30 -8.91 19.59
C PRO A 206 -3.94 -9.09 18.92
N LEU A 207 -3.73 -8.44 17.77
CA LEU A 207 -2.49 -8.59 17.03
C LEU A 207 -1.31 -8.03 17.83
N LYS A 208 -0.20 -8.77 17.83
CA LYS A 208 1.01 -8.39 18.54
C LYS A 208 2.21 -8.63 17.64
N PRO A 209 3.25 -7.80 17.78
CA PRO A 209 4.45 -8.03 16.96
C PRO A 209 5.02 -9.41 17.22
N TRP A 210 5.49 -10.05 16.13
CA TRP A 210 6.03 -11.40 16.23
C TRP A 210 7.08 -11.48 17.30
N PHE A 211 7.83 -10.39 17.53
CA PHE A 211 8.89 -10.40 18.52
C PHE A 211 8.38 -10.14 19.93
N ALA A 212 7.11 -9.78 20.09
CA ALA A 212 6.51 -9.60 21.41
C ALA A 212 6.03 -10.92 22.01
N ILE A 213 6.21 -12.03 21.31
CA ILE A 213 5.73 -13.32 21.75
C ILE A 213 6.93 -14.21 22.06
N PRO A 214 7.00 -14.80 23.25
CA PRO A 214 8.16 -15.63 23.59
C PRO A 214 8.25 -16.86 22.69
N GLY A 215 9.39 -16.99 22.01
CA GLY A 215 9.66 -18.11 21.15
C GLY A 215 11.03 -18.71 21.44
N PRO A 216 11.22 -20.00 21.11
CA PRO A 216 12.46 -20.67 21.52
C PRO A 216 13.70 -20.04 20.92
N VAL A 217 13.64 -19.58 19.66
CA VAL A 217 14.84 -19.04 19.03
C VAL A 217 15.27 -17.75 19.74
N ALA A 218 14.34 -16.83 19.94
CA ALA A 218 14.65 -15.54 20.54
C ALA A 218 15.08 -15.64 22.00
N GLU A 219 14.81 -16.77 22.67
CA GLU A 219 15.24 -16.91 24.06
C GLU A 219 16.72 -17.20 24.15
N GLU A 220 17.29 -17.84 23.14
CA GLU A 220 18.70 -18.19 23.14
C GLU A 220 19.54 -17.32 22.20
N TYR A 221 18.92 -16.57 21.28
CA TYR A 221 19.65 -15.85 20.24
C TYR A 221 19.14 -14.42 20.12
N SER A 222 20.05 -13.53 19.73
CA SER A 222 19.65 -12.23 19.23
C SER A 222 19.17 -12.41 17.81
N ILE A 223 18.16 -11.63 17.40
CA ILE A 223 17.61 -11.70 16.05
C ILE A 223 17.66 -10.32 15.40
N ALA A 224 18.28 -10.24 14.22
CA ALA A 224 18.29 -9.03 13.41
C ALA A 224 17.42 -9.24 12.18
N PHE A 225 16.73 -8.18 11.74
CA PHE A 225 15.81 -8.36 10.63
C PHE A 225 15.51 -7.01 10.00
N GLY A 226 14.89 -7.05 8.82
CA GLY A 226 14.47 -5.83 8.16
C GLY A 226 12.98 -5.81 7.85
N HIS A 227 12.61 -5.47 6.62
CA HIS A 227 11.26 -5.68 6.10
C HIS A 227 10.21 -4.71 6.65
N TRP A 228 10.11 -4.57 7.97
CA TRP A 228 8.99 -3.87 8.61
C TRP A 228 9.34 -2.40 8.82
N ALA A 229 9.15 -1.59 7.77
CA ALA A 229 9.59 -0.20 7.85
C ALA A 229 8.75 0.62 8.82
N SER A 230 7.42 0.43 8.82
CA SER A 230 6.56 1.19 9.72
C SER A 230 6.96 1.02 11.18
N LEU A 231 7.78 0.01 11.49
CA LEU A 231 8.32 -0.12 12.84
C LEU A 231 9.31 0.98 13.15
N GLU A 232 10.04 1.43 12.13
CA GLU A 232 10.99 2.53 12.25
C GLU A 232 12.16 2.21 13.14
N GLY A 233 12.49 0.93 13.30
CA GLY A 233 13.60 0.48 14.13
C GLY A 233 13.45 0.68 15.62
N LYS A 234 12.28 1.11 16.10
CA LYS A 234 12.09 1.43 17.51
C LYS A 234 11.16 0.44 18.19
N GLY A 235 11.21 0.42 19.52
CA GLY A 235 10.26 -0.37 20.27
C GLY A 235 10.48 -1.87 20.23
N THR A 236 11.71 -2.30 20.09
CA THR A 236 11.84 -3.74 20.16
C THR A 236 12.41 -4.16 21.50
N PRO A 237 12.14 -5.39 21.94
CA PRO A 237 12.72 -5.88 23.19
C PRO A 237 14.23 -6.07 23.06
N GLU A 238 14.87 -6.29 24.21
CA GLU A 238 16.31 -6.54 24.22
C GLU A 238 16.64 -7.76 23.39
N GLY A 239 17.68 -7.64 22.55
CA GLY A 239 18.08 -8.75 21.72
C GLY A 239 17.37 -8.85 20.39
N ILE A 240 16.48 -7.91 20.08
CA ILE A 240 15.77 -7.86 18.80
C ILE A 240 16.16 -6.56 18.12
N TYR A 241 16.70 -6.65 16.89
CA TYR A 241 17.25 -5.50 16.17
C TYR A 241 16.49 -5.28 14.87
N ALA A 242 15.68 -4.24 14.86
CA ALA A 242 14.86 -3.91 13.71
C ALA A 242 15.64 -2.87 12.94
N LEU A 243 16.25 -3.29 11.84
CA LEU A 243 17.20 -2.46 11.11
C LEU A 243 16.60 -1.70 9.94
N ASP A 244 15.34 -1.96 9.57
CA ASP A 244 14.74 -1.30 8.41
C ASP A 244 14.17 0.05 8.82
N THR A 245 14.87 1.12 8.46
CA THR A 245 14.49 2.48 8.79
C THR A 245 13.98 3.23 7.56
N GLY A 246 13.63 2.51 6.51
CA GLY A 246 12.86 3.08 5.41
C GLY A 246 13.61 3.93 4.42
N CYS A 247 14.85 3.55 4.08
CA CYS A 247 15.67 4.44 3.27
C CYS A 247 14.96 4.83 1.97
N CYS A 248 14.50 3.85 1.19
CA CYS A 248 13.92 4.21 -0.09
C CYS A 248 12.70 5.12 0.06
N TRP A 249 12.04 5.14 1.23
CA TRP A 249 10.86 5.96 1.45
C TRP A 249 11.18 7.37 1.93
N GLY A 250 12.44 7.76 1.97
CA GLY A 250 12.81 9.04 2.57
C GLY A 250 13.21 8.98 4.02
N GLY A 251 13.36 7.79 4.59
CA GLY A 251 13.84 7.64 5.95
C GLY A 251 15.36 7.65 6.02
N THR A 252 15.93 6.60 6.58
CA THR A 252 17.37 6.49 6.76
C THR A 252 17.80 5.06 6.45
N LEU A 253 19.06 4.92 6.07
CA LEU A 253 19.72 3.63 5.98
C LEU A 253 20.51 3.42 7.26
N THR A 254 20.22 2.34 7.96
CA THR A 254 20.77 2.13 9.30
C THR A 254 21.78 0.99 9.29
N CYS A 255 22.91 1.22 9.95
CA CYS A 255 24.00 0.25 10.06
C CYS A 255 24.33 0.06 11.53
N LEU A 256 24.40 -1.19 11.96
CA LEU A 256 24.72 -1.56 13.34
C LEU A 256 26.05 -2.31 13.35
N ARG A 257 27.03 -1.78 14.08
CA ARG A 257 28.28 -2.49 14.29
C ARG A 257 28.11 -3.39 15.51
N TRP A 258 28.36 -4.69 15.31
CA TRP A 258 27.97 -5.69 16.29
C TRP A 258 28.88 -5.66 17.53
N GLU A 259 30.18 -5.47 17.35
CA GLU A 259 31.08 -5.64 18.49
C GLU A 259 30.67 -4.75 19.66
N ASP A 260 30.39 -3.48 19.40
CA ASP A 260 30.03 -2.55 20.45
C ASP A 260 28.59 -2.04 20.32
N LYS A 261 27.83 -2.62 19.40
CA LYS A 261 26.44 -2.25 19.19
C LYS A 261 26.32 -0.76 18.86
N GLN A 262 27.20 -0.26 18.02
CA GLN A 262 27.17 1.16 17.68
C GLN A 262 26.42 1.40 16.38
N TYR A 263 25.50 2.35 16.38
CA TYR A 263 24.71 2.67 15.21
C TYR A 263 25.32 3.81 14.41
N PHE A 264 25.27 3.69 13.08
CA PHE A 264 25.62 4.71 12.11
C PHE A 264 24.46 4.87 11.14
N VAL A 265 24.11 6.10 10.81
CA VAL A 265 22.91 6.36 10.02
C VAL A 265 23.27 7.23 8.84
N GLN A 266 22.72 6.88 7.67
CA GLN A 266 22.92 7.63 6.44
C GLN A 266 21.59 8.21 6.00
N PRO A 267 21.46 9.53 5.94
CA PRO A 267 20.21 10.14 5.47
C PRO A 267 19.87 9.75 4.03
N SER A 268 18.58 9.58 3.81
CA SER A 268 18.06 9.34 2.48
C SER A 268 18.33 10.52 1.56
N ASN A 269 18.74 10.23 0.33
CA ASN A 269 18.94 11.26 -0.68
C ASN A 269 17.65 11.75 -1.34
N ARG A 270 16.59 10.96 -1.33
CA ARG A 270 15.33 11.42 -1.83
C ARG A 270 14.16 10.89 -1.00
N ALA B 2 -27.52 28.39 -6.47
CA ALA B 2 -26.17 28.15 -6.94
C ALA B 2 -25.82 26.68 -6.77
N THR B 3 -24.73 26.26 -7.39
CA THR B 3 -24.29 24.88 -7.37
C THR B 3 -22.84 24.82 -6.93
N TYR B 4 -22.58 24.09 -5.85
CA TYR B 4 -21.24 23.98 -5.28
C TYR B 4 -20.69 22.56 -5.38
N LEU B 5 -19.41 22.45 -5.72
CA LEU B 5 -18.70 21.18 -5.74
C LEU B 5 -17.52 21.30 -4.77
N ILE B 6 -17.43 20.38 -3.83
CA ILE B 6 -16.36 20.39 -2.83
C ILE B 6 -15.62 19.07 -2.89
N GLY B 7 -14.30 19.13 -2.73
CA GLY B 7 -13.48 17.93 -2.78
C GLY B 7 -13.51 17.17 -1.46
N ASP B 8 -12.52 16.29 -1.31
CA ASP B 8 -12.52 15.32 -0.21
C ASP B 8 -12.51 16.04 1.14
N VAL B 9 -13.51 15.72 1.96
CA VAL B 9 -13.66 16.41 3.25
C VAL B 9 -12.84 15.72 4.34
N HIS B 10 -12.78 14.39 4.35
CA HIS B 10 -11.98 13.61 5.30
C HIS B 10 -12.15 14.07 6.74
N GLY B 11 -13.41 14.11 7.20
CA GLY B 11 -13.68 14.40 8.58
C GLY B 11 -13.34 15.80 9.02
N CYS B 12 -13.15 16.73 8.07
CA CYS B 12 -12.83 18.11 8.43
C CYS B 12 -14.12 18.94 8.49
N TYR B 13 -14.90 18.68 9.54
CA TYR B 13 -16.21 19.30 9.67
C TYR B 13 -16.11 20.83 9.80
N ASP B 14 -15.18 21.31 10.62
CA ASP B 14 -15.05 22.75 10.86
C ASP B 14 -14.80 23.50 9.56
N GLU B 15 -13.87 23.00 8.75
CA GLU B 15 -13.51 23.63 7.49
C GLU B 15 -14.69 23.61 6.53
N LEU B 16 -15.39 22.48 6.46
CA LEU B 16 -16.53 22.40 5.56
C LEU B 16 -17.57 23.44 5.91
N ILE B 17 -17.89 23.59 7.21
CA ILE B 17 -18.94 24.52 7.60
C ILE B 17 -18.49 25.96 7.39
N ALA B 18 -17.23 26.25 7.69
CA ALA B 18 -16.75 27.59 7.43
C ALA B 18 -16.80 27.94 5.94
N LEU B 19 -16.40 27.02 5.07
CA LEU B 19 -16.45 27.31 3.63
C LEU B 19 -17.88 27.43 3.13
N LEU B 20 -18.79 26.61 3.68
CA LEU B 20 -20.18 26.71 3.26
C LEU B 20 -20.81 28.01 3.74
N HIS B 21 -20.36 28.51 4.89
CA HIS B 21 -20.83 29.83 5.33
C HIS B 21 -20.22 30.95 4.49
N LYS B 22 -18.95 30.80 4.10
CA LYS B 22 -18.31 31.73 3.18
C LYS B 22 -19.23 32.04 2.00
N VAL B 23 -19.77 31.01 1.37
CA VAL B 23 -20.53 31.17 0.14
C VAL B 23 -22.03 31.27 0.42
N GLU B 24 -22.41 31.35 1.70
CA GLU B 24 -23.81 31.48 2.12
C GLU B 24 -24.68 30.35 1.56
N PHE B 25 -24.22 29.12 1.75
CA PHE B 25 -24.91 27.96 1.20
C PHE B 25 -26.29 27.78 1.84
N THR B 26 -27.33 27.76 1.02
CA THR B 26 -28.71 27.69 1.53
C THR B 26 -29.43 26.47 0.97
N PRO B 27 -29.61 25.41 1.76
CA PRO B 27 -30.35 24.23 1.28
C PRO B 27 -31.72 24.61 0.71
N GLY B 28 -32.10 23.95 -0.38
CA GLY B 28 -33.34 24.29 -1.03
C GLY B 28 -33.13 25.21 -2.21
N LYS B 29 -32.31 26.23 -2.04
CA LYS B 29 -31.94 27.11 -3.13
C LYS B 29 -30.62 26.73 -3.78
N ASP B 30 -29.76 26.00 -3.07
CA ASP B 30 -28.45 25.58 -3.57
C ASP B 30 -28.32 24.07 -3.50
N THR B 31 -27.35 23.56 -4.26
CA THR B 31 -27.03 22.14 -4.25
C THR B 31 -25.54 21.95 -3.98
N LEU B 32 -25.23 20.94 -3.18
CA LEU B 32 -23.84 20.64 -2.87
C LEU B 32 -23.51 19.30 -3.50
N TRP B 33 -22.45 19.24 -4.29
CA TRP B 33 -21.89 18.00 -4.78
C TRP B 33 -20.61 17.72 -4.00
N LEU B 34 -20.46 16.47 -3.54
CA LEU B 34 -19.30 16.08 -2.76
C LEU B 34 -18.61 14.90 -3.44
N THR B 35 -17.29 15.00 -3.61
CA THR B 35 -16.53 13.99 -4.32
C THR B 35 -16.29 12.71 -3.52
N GLY B 36 -16.79 12.61 -2.30
CA GLY B 36 -16.65 11.39 -1.51
C GLY B 36 -15.40 11.44 -0.67
N ALA B 37 -15.18 10.35 0.07
CA ALA B 37 -14.19 10.36 1.15
C ALA B 37 -14.57 11.43 2.19
N LEU B 38 -15.79 11.27 2.71
CA LEU B 38 -16.32 12.10 3.78
C LEU B 38 -15.61 11.89 5.11
N VAL B 39 -14.95 10.75 5.29
CA VAL B 39 -14.52 10.29 6.59
C VAL B 39 -13.03 9.98 6.60
N ALA B 40 -12.48 9.84 7.82
CA ALA B 40 -11.12 9.37 8.09
C ALA B 40 -10.07 10.48 8.04
N ARG B 41 -8.96 10.28 8.78
CA ARG B 41 -7.85 11.22 8.88
C ARG B 41 -8.25 12.47 9.66
N GLY B 42 -9.30 13.15 9.23
CA GLY B 42 -9.75 14.34 9.92
C GLY B 42 -10.47 13.96 11.18
N PRO B 43 -10.60 14.91 12.10
CA PRO B 43 -11.19 14.59 13.41
C PRO B 43 -12.71 14.50 13.45
N GLY B 44 -13.45 14.96 12.43
CA GLY B 44 -14.89 15.04 12.59
C GLY B 44 -15.78 14.19 11.70
N SER B 45 -15.36 12.94 11.45
CA SER B 45 -16.13 12.06 10.57
C SER B 45 -17.57 11.94 11.02
N LEU B 46 -17.80 11.81 12.32
CA LEU B 46 -19.17 11.66 12.81
C LEU B 46 -19.99 12.90 12.49
N ASP B 47 -19.44 14.09 12.77
CA ASP B 47 -20.19 15.32 12.54
C ASP B 47 -20.45 15.50 11.06
N VAL B 48 -19.47 15.14 10.23
CA VAL B 48 -19.62 15.30 8.79
C VAL B 48 -20.72 14.41 8.28
N LEU B 49 -20.73 13.14 8.70
CA LEU B 49 -21.78 12.25 8.24
C LEU B 49 -23.15 12.74 8.71
N ARG B 50 -23.27 13.12 9.98
CA ARG B 50 -24.54 13.62 10.47
C ARG B 50 -25.04 14.78 9.62
N TYR B 51 -24.14 15.74 9.35
CA TYR B 51 -24.55 16.93 8.62
C TYR B 51 -24.89 16.60 7.18
N VAL B 52 -24.00 15.88 6.48
CA VAL B 52 -24.23 15.59 5.08
C VAL B 52 -25.55 14.84 4.92
N LYS B 53 -25.84 13.88 5.80
CA LYS B 53 -27.14 13.18 5.73
C LYS B 53 -28.32 14.11 5.98
N SER B 54 -28.22 14.99 6.99
CA SER B 54 -29.36 15.87 7.26
C SER B 54 -29.71 16.74 6.06
N LEU B 55 -28.77 16.97 5.14
CA LEU B 55 -29.04 17.81 3.98
C LEU B 55 -30.02 17.20 3.01
N GLY B 56 -30.23 15.88 3.04
CA GLY B 56 -31.20 15.29 2.13
C GLY B 56 -30.86 15.60 0.67
N ASP B 57 -31.88 15.99 -0.09
CA ASP B 57 -31.69 16.13 -1.52
C ASP B 57 -30.82 17.31 -1.92
N SER B 58 -30.48 18.19 -0.99
CA SER B 58 -29.62 19.32 -1.34
C SER B 58 -28.17 18.91 -1.51
N VAL B 59 -27.85 17.62 -1.36
CA VAL B 59 -26.50 17.13 -1.58
C VAL B 59 -26.54 15.96 -2.57
N ARG B 60 -25.55 15.92 -3.45
CA ARG B 60 -25.28 14.83 -4.38
C ARG B 60 -23.89 14.30 -4.07
N LEU B 61 -23.81 13.09 -3.56
CA LEU B 61 -22.57 12.49 -3.12
C LEU B 61 -22.22 11.28 -3.99
N VAL B 62 -20.94 10.99 -4.09
CA VAL B 62 -20.48 9.71 -4.60
C VAL B 62 -19.57 9.14 -3.53
N LEU B 63 -19.54 7.82 -3.45
CA LEU B 63 -18.71 7.15 -2.46
C LEU B 63 -17.28 7.05 -2.94
N GLY B 64 -16.34 7.21 -2.00
CA GLY B 64 -14.91 7.09 -2.26
C GLY B 64 -14.33 5.84 -1.61
N ASN B 65 -13.02 5.67 -1.78
CA ASN B 65 -12.35 4.49 -1.23
C ASN B 65 -12.42 4.44 0.30
N HIS B 66 -12.26 5.59 0.97
CA HIS B 66 -12.27 5.59 2.44
C HIS B 66 -13.68 5.41 2.99
N ASP B 67 -14.69 5.81 2.24
CA ASP B 67 -16.07 5.50 2.60
C ASP B 67 -16.30 3.99 2.54
N LEU B 68 -15.87 3.37 1.45
CA LEU B 68 -16.00 1.93 1.33
C LEU B 68 -15.24 1.24 2.45
N HIS B 69 -14.06 1.76 2.79
CA HIS B 69 -13.30 1.15 3.88
C HIS B 69 -14.05 1.24 5.20
N LEU B 70 -14.60 2.43 5.51
CA LEU B 70 -15.41 2.57 6.71
C LEU B 70 -16.53 1.54 6.74
N LEU B 71 -17.20 1.36 5.60
CA LEU B 71 -18.26 0.37 5.52
C LEU B 71 -17.74 -1.03 5.83
N ALA B 72 -16.52 -1.34 5.36
CA ALA B 72 -15.95 -2.66 5.58
C ALA B 72 -15.60 -2.88 7.05
N VAL B 73 -15.01 -1.89 7.70
CA VAL B 73 -14.75 -1.99 9.14
C VAL B 73 -16.06 -2.20 9.88
N PHE B 74 -17.05 -1.35 9.59
CA PHE B 74 -18.33 -1.42 10.27
C PHE B 74 -18.88 -2.84 10.22
N ALA B 75 -18.81 -3.48 9.07
CA ALA B 75 -19.33 -4.83 8.92
C ALA B 75 -18.33 -5.92 9.36
N GLY B 76 -17.21 -5.58 9.98
CA GLY B 76 -16.28 -6.61 10.40
C GLY B 76 -15.52 -7.29 9.28
N ILE B 77 -15.56 -6.74 8.07
CA ILE B 77 -14.74 -7.26 6.99
C ILE B 77 -13.28 -6.85 7.20
N SER B 78 -13.06 -5.61 7.61
CA SER B 78 -11.73 -5.08 7.80
C SER B 78 -11.65 -4.55 9.22
N ARG B 79 -10.45 -4.46 9.74
CA ARG B 79 -10.29 -4.12 11.14
C ARG B 79 -10.02 -2.62 11.30
N ASN B 80 -10.48 -2.09 12.42
CA ASN B 80 -10.41 -0.65 12.64
C ASN B 80 -8.98 -0.21 12.92
N LYS B 81 -8.50 0.77 12.16
CA LYS B 81 -7.20 1.37 12.42
C LYS B 81 -7.37 2.60 13.30
N PRO B 82 -6.73 2.66 14.48
CA PRO B 82 -6.92 3.83 15.36
C PRO B 82 -6.55 5.16 14.73
N LYS B 83 -5.53 5.18 13.86
CA LYS B 83 -5.11 6.45 13.26
C LYS B 83 -6.17 7.05 12.36
N ASP B 84 -7.10 6.24 11.86
CA ASP B 84 -8.14 6.74 10.96
C ASP B 84 -9.12 7.66 11.67
N ARG B 85 -9.19 7.57 12.99
CA ARG B 85 -10.12 8.36 13.79
C ARG B 85 -11.57 8.07 13.43
N LEU B 86 -11.88 6.81 13.18
CA LEU B 86 -13.24 6.39 12.87
C LEU B 86 -14.01 5.88 14.09
N THR B 87 -13.35 5.72 15.23
CA THR B 87 -13.99 5.03 16.33
C THR B 87 -15.19 5.81 16.87
N PRO B 88 -15.08 7.12 17.06
CA PRO B 88 -16.26 7.86 17.53
C PRO B 88 -17.49 7.60 16.67
N LEU B 89 -17.31 7.57 15.35
CA LEU B 89 -18.42 7.31 14.44
C LEU B 89 -18.92 5.88 14.56
N LEU B 90 -18.01 4.91 14.61
CA LEU B 90 -18.43 3.52 14.77
C LEU B 90 -19.13 3.27 16.10
N GLU B 91 -18.76 4.02 17.15
CA GLU B 91 -19.32 3.83 18.48
C GLU B 91 -20.53 4.71 18.77
N ALA B 92 -20.95 5.54 17.82
CA ALA B 92 -22.03 6.47 18.08
C ALA B 92 -23.36 5.74 18.15
N PRO B 93 -24.30 6.27 18.94
CA PRO B 93 -25.63 5.63 19.01
C PRO B 93 -26.30 5.48 17.67
N ASP B 94 -26.14 6.46 16.78
CA ASP B 94 -26.82 6.43 15.49
C ASP B 94 -25.92 5.89 14.38
N ALA B 95 -24.87 5.13 14.73
CA ALA B 95 -23.94 4.64 13.72
C ALA B 95 -24.66 3.81 12.65
N ASP B 96 -25.60 2.97 13.06
CA ASP B 96 -26.37 2.17 12.11
C ASP B 96 -27.13 3.04 11.12
N GLU B 97 -27.86 4.04 11.64
CA GLU B 97 -28.62 4.92 10.77
C GLU B 97 -27.69 5.56 9.75
N LEU B 98 -26.58 6.10 10.22
CA LEU B 98 -25.65 6.81 9.36
C LEU B 98 -25.06 5.90 8.30
N LEU B 99 -24.59 4.72 8.69
CA LEU B 99 -23.86 3.85 7.77
C LEU B 99 -24.78 3.14 6.79
N ASN B 100 -25.99 2.76 7.23
CA ASN B 100 -26.96 2.23 6.30
C ASN B 100 -27.36 3.30 5.31
N TRP B 101 -27.44 4.55 5.76
CA TRP B 101 -27.65 5.63 4.80
C TRP B 101 -26.47 5.70 3.82
N LEU B 102 -25.25 5.64 4.37
CA LEU B 102 -24.06 5.87 3.56
C LEU B 102 -23.92 4.84 2.46
N ARG B 103 -24.17 3.57 2.78
CA ARG B 103 -24.01 2.52 1.79
C ARG B 103 -25.04 2.57 0.67
N ARG B 104 -26.08 3.40 0.80
CA ARG B 104 -27.05 3.55 -0.25
C ARG B 104 -26.67 4.63 -1.25
N GLN B 105 -25.56 5.33 -1.03
CA GLN B 105 -25.27 6.49 -1.86
C GLN B 105 -24.61 6.04 -3.16
N PRO B 106 -24.73 6.85 -4.22
CA PRO B 106 -24.28 6.40 -5.54
C PRO B 106 -22.76 6.44 -5.68
N LEU B 107 -22.30 5.72 -6.69
CA LEU B 107 -20.92 5.79 -7.14
C LEU B 107 -20.71 6.86 -8.21
N LEU B 108 -21.78 7.39 -8.80
CA LEU B 108 -21.68 8.25 -9.97
C LEU B 108 -22.85 9.24 -9.98
N GLN B 109 -22.55 10.49 -10.35
CA GLN B 109 -23.55 11.57 -10.44
C GLN B 109 -23.47 12.20 -11.82
N ILE B 110 -24.60 12.29 -12.53
CA ILE B 110 -24.66 12.90 -13.87
C ILE B 110 -25.73 13.99 -13.88
N ASP B 111 -25.39 15.17 -14.37
CA ASP B 111 -26.37 16.23 -14.63
C ASP B 111 -26.29 16.59 -16.10
N GLU B 112 -27.36 16.26 -16.83
CA GLU B 112 -27.43 16.51 -18.27
C GLU B 112 -27.52 18.01 -18.57
N GLU B 113 -28.25 18.77 -17.73
CA GLU B 113 -28.40 20.21 -17.96
C GLU B 113 -27.05 20.92 -17.87
N LYS B 114 -26.22 20.51 -16.92
CA LYS B 114 -24.88 21.06 -16.80
C LYS B 114 -23.87 20.33 -17.67
N LYS B 115 -24.22 19.16 -18.23
CA LYS B 115 -23.25 18.31 -18.92
C LYS B 115 -22.06 18.04 -17.98
N LEU B 116 -22.38 17.68 -16.75
CA LEU B 116 -21.40 17.50 -15.70
C LEU B 116 -21.50 16.09 -15.13
N VAL B 117 -20.36 15.44 -14.99
CA VAL B 117 -20.25 14.10 -14.42
C VAL B 117 -19.33 14.17 -13.22
N MET B 118 -19.68 13.42 -12.17
CA MET B 118 -18.84 13.30 -10.98
C MET B 118 -18.71 11.84 -10.54
N ALA B 119 -17.47 11.45 -10.20
CA ALA B 119 -17.16 10.22 -9.49
C ALA B 119 -15.93 10.48 -8.62
N HIS B 120 -15.70 9.62 -7.62
CA HIS B 120 -14.64 9.93 -6.66
C HIS B 120 -13.28 10.06 -7.35
N ALA B 121 -12.92 9.09 -8.18
CA ALA B 121 -11.60 9.08 -8.80
C ALA B 121 -11.62 9.49 -10.26
N GLY B 122 -12.81 9.60 -10.89
CA GLY B 122 -12.88 9.96 -12.30
C GLY B 122 -13.52 8.88 -13.15
N ILE B 123 -13.36 8.96 -14.48
CA ILE B 123 -13.92 8.00 -15.45
C ILE B 123 -12.77 7.43 -16.25
N THR B 124 -12.56 6.12 -16.16
CA THR B 124 -11.49 5.51 -16.93
C THR B 124 -11.69 5.82 -18.42
N PRO B 125 -10.62 6.17 -19.12
CA PRO B 125 -10.74 6.36 -20.58
C PRO B 125 -11.29 5.14 -21.29
N GLN B 126 -11.31 3.95 -20.65
CA GLN B 126 -11.85 2.74 -21.25
C GLN B 126 -13.37 2.66 -21.21
N TRP B 127 -14.04 3.66 -20.63
CA TRP B 127 -15.49 3.62 -20.46
C TRP B 127 -16.15 4.76 -21.22
N ASP B 128 -17.26 4.45 -21.87
CA ASP B 128 -18.21 5.46 -22.34
C ASP B 128 -19.28 5.64 -21.29
N LEU B 129 -20.09 6.69 -21.45
CA LEU B 129 -21.05 7.04 -20.42
C LEU B 129 -21.98 5.87 -20.13
N GLN B 130 -22.51 5.26 -21.19
CA GLN B 130 -23.43 4.15 -21.02
C GLN B 130 -22.84 3.07 -20.11
N THR B 131 -21.57 2.73 -20.35
CA THR B 131 -20.90 1.69 -19.56
C THR B 131 -20.68 2.13 -18.12
N ALA B 132 -20.18 3.34 -17.92
CA ALA B 132 -20.03 3.86 -16.55
C ALA B 132 -21.36 3.77 -15.80
N LYS B 133 -22.47 4.09 -16.47
CA LYS B 133 -23.77 4.04 -15.82
C LYS B 133 -24.11 2.63 -15.39
N GLU B 134 -23.95 1.67 -16.31
CA GLU B 134 -24.28 0.28 -15.98
C GLU B 134 -23.46 -0.18 -14.79
N CYS B 135 -22.16 0.12 -14.81
CA CYS B 135 -21.29 -0.36 -13.76
C CYS B 135 -21.61 0.29 -12.41
N ALA B 136 -21.92 1.59 -12.40
CA ALA B 136 -22.33 2.23 -11.16
C ALA B 136 -23.57 1.57 -10.61
N ARG B 137 -24.55 1.29 -11.46
CA ARG B 137 -25.76 0.63 -11.00
C ARG B 137 -25.44 -0.72 -10.38
N ASP B 138 -24.63 -1.54 -11.05
CA ASP B 138 -24.37 -2.86 -10.50
C ASP B 138 -23.76 -2.77 -9.11
N VAL B 139 -22.71 -1.94 -8.98
CA VAL B 139 -22.06 -1.90 -7.67
C VAL B 139 -22.99 -1.29 -6.64
N GLU B 140 -23.76 -0.26 -7.01
CA GLU B 140 -24.63 0.36 -6.04
C GLU B 140 -25.68 -0.61 -5.56
N ALA B 141 -26.15 -1.49 -6.46
CA ALA B 141 -27.11 -2.52 -6.09
C ALA B 141 -26.51 -3.52 -5.11
N VAL B 142 -25.28 -3.96 -5.36
CA VAL B 142 -24.68 -4.88 -4.39
C VAL B 142 -24.47 -4.18 -3.05
N LEU B 143 -24.10 -2.89 -3.06
CA LEU B 143 -23.80 -2.19 -1.81
C LEU B 143 -25.05 -1.98 -0.95
N SER B 144 -26.20 -1.73 -1.57
CA SER B 144 -27.41 -1.47 -0.81
C SER B 144 -28.20 -2.73 -0.48
N SER B 145 -27.69 -3.89 -0.85
CA SER B 145 -28.35 -5.15 -0.58
C SER B 145 -28.01 -5.67 0.83
N ASP B 146 -28.81 -6.64 1.27
CA ASP B 146 -28.56 -7.24 2.58
C ASP B 146 -27.26 -8.01 2.61
N SER B 147 -26.67 -8.31 1.46
CA SER B 147 -25.43 -9.09 1.42
C SER B 147 -24.21 -8.22 1.19
N TYR B 148 -24.26 -6.96 1.63
CA TYR B 148 -23.15 -6.07 1.33
C TYR B 148 -21.79 -6.49 1.91
N PRO B 149 -21.67 -7.12 3.11
CA PRO B 149 -20.32 -7.48 3.59
C PRO B 149 -19.60 -8.47 2.68
N PHE B 150 -20.35 -9.38 2.05
CA PHE B 150 -19.72 -10.28 1.10
C PHE B 150 -19.17 -9.52 -0.10
N PHE B 151 -19.90 -8.51 -0.61
CA PHE B 151 -19.31 -7.70 -1.67
C PHE B 151 -18.09 -6.94 -1.16
N LEU B 152 -18.24 -6.29 0.00
CA LEU B 152 -17.15 -5.48 0.50
C LEU B 152 -15.89 -6.33 0.63
N ASP B 153 -16.05 -7.57 1.07
CA ASP B 153 -14.93 -8.51 1.12
C ASP B 153 -14.42 -8.85 -0.27
N ALA B 154 -15.33 -9.03 -1.24
CA ALA B 154 -14.94 -9.39 -2.59
C ALA B 154 -14.21 -8.28 -3.31
N MET B 155 -14.52 -7.02 -2.98
CA MET B 155 -14.04 -5.89 -3.78
C MET B 155 -12.53 -5.79 -3.74
N TYR B 156 -11.90 -6.21 -2.64
CA TYR B 156 -10.45 -6.06 -2.48
C TYR B 156 -9.73 -6.83 -3.57
N GLY B 157 -8.78 -6.17 -4.21
CA GLY B 157 -7.98 -6.78 -5.25
C GLY B 157 -7.49 -5.71 -6.20
N ASP B 158 -6.36 -5.99 -6.84
CA ASP B 158 -5.77 -5.06 -7.81
C ASP B 158 -5.87 -5.55 -9.25
N MET B 159 -6.42 -6.74 -9.48
CA MET B 159 -6.62 -7.30 -10.80
C MET B 159 -8.09 -7.66 -10.99
N PRO B 160 -8.61 -7.60 -12.22
CA PRO B 160 -7.97 -7.18 -13.47
C PRO B 160 -7.87 -5.67 -13.62
N ASN B 161 -6.96 -5.15 -14.44
CA ASN B 161 -6.84 -3.71 -14.62
C ASN B 161 -7.18 -3.28 -16.04
N ASN B 162 -7.79 -4.16 -16.81
CA ASN B 162 -8.12 -3.87 -18.19
C ASN B 162 -9.60 -4.15 -18.39
N TRP B 163 -10.35 -3.12 -18.77
CA TRP B 163 -11.79 -3.30 -18.90
C TRP B 163 -12.15 -4.00 -20.21
N SER B 164 -13.09 -4.94 -20.14
CA SER B 164 -13.72 -5.57 -21.30
C SER B 164 -15.16 -5.94 -20.95
N PRO B 165 -16.08 -5.81 -21.90
CA PRO B 165 -17.46 -6.26 -21.63
C PRO B 165 -17.58 -7.77 -21.35
N GLU B 166 -16.50 -8.54 -21.48
CA GLU B 166 -16.56 -9.98 -21.20
C GLU B 166 -16.23 -10.33 -19.75
N LEU B 167 -15.71 -9.39 -18.98
CA LEU B 167 -15.41 -9.66 -17.58
C LEU B 167 -16.66 -10.14 -16.86
N ARG B 168 -16.51 -11.21 -16.07
CA ARG B 168 -17.60 -11.77 -15.31
C ARG B 168 -17.19 -11.88 -13.84
N GLY B 169 -18.20 -11.91 -12.99
CA GLY B 169 -17.98 -12.23 -11.59
C GLY B 169 -17.06 -11.25 -10.87
N LEU B 170 -16.22 -11.84 -10.01
CA LEU B 170 -15.45 -11.03 -9.07
C LEU B 170 -14.48 -10.12 -9.77
N GLY B 171 -13.92 -10.55 -10.90
CA GLY B 171 -13.06 -9.64 -11.63
C GLY B 171 -13.82 -8.40 -12.07
N ARG B 172 -15.02 -8.61 -12.61
CA ARG B 172 -15.85 -7.48 -13.05
C ARG B 172 -16.05 -6.50 -11.90
N LEU B 173 -16.44 -7.02 -10.74
CA LEU B 173 -16.71 -6.16 -9.60
C LEU B 173 -15.47 -5.40 -9.15
N ARG B 174 -14.35 -6.11 -9.03
CA ARG B 174 -13.13 -5.46 -8.55
C ARG B 174 -12.69 -4.35 -9.48
N PHE B 175 -12.67 -4.62 -10.80
CA PHE B 175 -12.26 -3.59 -11.73
C PHE B 175 -13.18 -2.37 -11.66
N ILE B 176 -14.50 -2.59 -11.62
CA ILE B 176 -15.41 -1.45 -11.49
C ILE B 176 -15.04 -0.62 -10.24
N THR B 177 -14.84 -1.30 -9.12
CA THR B 177 -14.67 -0.56 -7.89
C THR B 177 -13.39 0.24 -7.91
N ASN B 178 -12.29 -0.37 -8.40
CA ASN B 178 -11.01 0.33 -8.53
C ASN B 178 -11.12 1.51 -9.48
N ALA B 179 -11.79 1.31 -10.62
CA ALA B 179 -11.95 2.40 -11.57
C ALA B 179 -12.63 3.61 -10.91
N PHE B 180 -13.67 3.37 -10.13
CA PHE B 180 -14.39 4.53 -9.58
C PHE B 180 -13.67 5.17 -8.40
N THR B 181 -13.04 4.38 -7.55
CA THR B 181 -12.65 4.94 -6.27
C THR B 181 -11.17 4.97 -6.04
N ARG B 182 -10.36 4.37 -6.92
CA ARG B 182 -8.93 4.27 -6.68
C ARG B 182 -8.06 4.73 -7.84
N MET B 183 -8.57 4.76 -9.05
CA MET B 183 -7.75 5.05 -10.23
C MET B 183 -7.02 6.39 -10.13
N ARG B 184 -5.78 6.39 -10.61
CA ARG B 184 -4.98 7.58 -10.84
C ARG B 184 -4.23 7.41 -12.16
N PHE B 185 -3.16 6.63 -12.17
CA PHE B 185 -2.38 6.51 -13.38
C PHE B 185 -2.89 5.40 -14.29
N CYS B 186 -2.62 5.59 -15.58
CA CYS B 186 -3.00 4.64 -16.62
C CYS B 186 -1.80 4.32 -17.48
N PHE B 187 -1.78 3.11 -17.99
CA PHE B 187 -0.87 2.79 -19.08
C PHE B 187 -1.41 3.41 -20.37
N PRO B 188 -0.53 3.63 -21.36
CA PRO B 188 -1.00 4.25 -22.62
C PRO B 188 -2.26 3.59 -23.18
N ASN B 189 -2.44 2.28 -23.00
CA ASN B 189 -3.61 1.57 -23.49
C ASN B 189 -4.85 1.79 -22.63
N GLY B 190 -4.77 2.62 -21.60
CA GLY B 190 -5.89 2.83 -20.71
C GLY B 190 -5.96 1.88 -19.53
N GLN B 191 -5.06 0.91 -19.44
CA GLN B 191 -5.05 -0.05 -18.34
C GLN B 191 -4.65 0.65 -17.02
N LEU B 192 -5.34 0.27 -15.93
CA LEU B 192 -5.11 0.85 -14.61
C LEU B 192 -3.80 0.36 -14.00
N ASP B 193 -3.07 1.29 -13.39
CA ASP B 193 -1.96 0.97 -12.50
C ASP B 193 -2.43 1.31 -11.10
N MET B 194 -2.36 0.34 -10.19
CA MET B 194 -2.95 0.49 -8.88
C MET B 194 -1.93 0.81 -7.79
N TYR B 195 -0.70 1.19 -8.14
CA TYR B 195 0.37 1.36 -7.17
C TYR B 195 0.93 2.78 -7.08
N SER B 196 1.03 3.49 -8.19
CA SER B 196 1.62 4.84 -8.16
C SER B 196 0.62 5.85 -7.62
N LYS B 197 1.08 6.66 -6.66
CA LYS B 197 0.23 7.67 -6.05
C LYS B 197 0.86 9.07 -6.07
N GLU B 198 1.92 9.26 -6.84
CA GLU B 198 2.65 10.52 -6.83
C GLU B 198 2.03 11.48 -7.83
N SER B 199 2.60 12.67 -7.95
CA SER B 199 2.14 13.59 -8.96
C SER B 199 2.60 13.11 -10.33
N PRO B 200 1.93 13.55 -11.39
CA PRO B 200 2.30 13.10 -12.74
C PRO B 200 3.76 13.37 -13.10
N GLU B 201 4.31 14.49 -12.62
CA GLU B 201 5.68 14.84 -12.97
C GLU B 201 6.66 13.79 -12.47
N GLU B 202 6.40 13.24 -11.29
CA GLU B 202 7.33 12.31 -10.65
C GLU B 202 6.98 10.85 -10.89
N ALA B 203 5.97 10.55 -11.71
CA ALA B 203 5.61 9.16 -11.91
C ALA B 203 6.62 8.49 -12.81
N PRO B 204 6.76 7.17 -12.70
CA PRO B 204 7.65 6.44 -13.62
C PRO B 204 6.96 6.26 -14.96
N ALA B 205 7.77 6.12 -16.00
CA ALA B 205 7.24 5.86 -17.32
C ALA B 205 6.75 4.42 -17.40
N PRO B 206 5.81 4.13 -18.29
CA PRO B 206 5.11 5.05 -19.20
C PRO B 206 3.78 5.54 -18.65
N LEU B 207 3.62 5.56 -17.34
CA LEU B 207 2.35 5.93 -16.72
C LEU B 207 2.00 7.38 -16.99
N LYS B 208 0.72 7.62 -17.23
CA LYS B 208 0.20 8.95 -17.45
C LYS B 208 -1.12 9.08 -16.69
N PRO B 209 -1.47 10.28 -16.24
CA PRO B 209 -2.75 10.46 -15.53
C PRO B 209 -3.91 9.99 -16.40
N TRP B 210 -4.93 9.40 -15.76
CA TRP B 210 -6.07 8.85 -16.50
C TRP B 210 -6.72 9.89 -17.40
N PHE B 211 -6.69 11.16 -17.00
CA PHE B 211 -7.33 12.22 -17.79
C PHE B 211 -6.44 12.71 -18.91
N ALA B 212 -5.18 12.26 -18.96
CA ALA B 212 -4.33 12.62 -20.09
C ALA B 212 -4.57 11.73 -21.30
N ILE B 213 -5.44 10.74 -21.17
CA ILE B 213 -5.74 9.79 -22.23
C ILE B 213 -7.13 10.10 -22.76
N PRO B 214 -7.30 10.31 -24.05
CA PRO B 214 -8.61 10.70 -24.58
C PRO B 214 -9.66 9.61 -24.36
N GLY B 215 -10.75 10.00 -23.69
CA GLY B 215 -11.85 9.10 -23.43
C GLY B 215 -13.19 9.65 -23.87
N PRO B 216 -14.12 8.74 -24.18
CA PRO B 216 -15.40 9.19 -24.76
C PRO B 216 -16.23 10.07 -23.85
N VAL B 217 -16.26 9.75 -22.54
CA VAL B 217 -17.08 10.53 -21.62
C VAL B 217 -16.56 11.96 -21.55
N ALA B 218 -15.23 12.11 -21.44
CA ALA B 218 -14.58 13.41 -21.38
C ALA B 218 -14.74 14.22 -22.67
N GLU B 219 -15.18 13.61 -23.76
CA GLU B 219 -15.34 14.38 -24.99
C GLU B 219 -16.61 15.23 -24.97
N GLU B 220 -17.69 14.73 -24.33
CA GLU B 220 -18.96 15.44 -24.29
C GLU B 220 -19.28 16.05 -22.93
N TYR B 221 -18.58 15.66 -21.86
CA TYR B 221 -18.94 16.04 -20.51
C TYR B 221 -17.76 16.60 -19.75
N SER B 222 -18.05 17.54 -18.85
CA SER B 222 -17.11 17.94 -17.83
C SER B 222 -17.11 16.87 -16.75
N ILE B 223 -15.94 16.60 -16.19
CA ILE B 223 -15.81 15.58 -15.15
C ILE B 223 -15.22 16.25 -13.92
N ALA B 224 -15.92 16.13 -12.79
CA ALA B 224 -15.40 16.55 -11.49
C ALA B 224 -15.01 15.32 -10.69
N PHE B 225 -13.95 15.45 -9.91
CA PHE B 225 -13.49 14.32 -9.13
C PHE B 225 -12.63 14.83 -8.00
N GLY B 226 -12.39 13.97 -7.01
CA GLY B 226 -11.48 14.29 -5.93
C GLY B 226 -10.35 13.27 -5.84
N HIS B 227 -10.11 12.73 -4.64
CA HIS B 227 -9.32 11.53 -4.47
C HIS B 227 -7.80 11.72 -4.64
N TRP B 228 -7.36 12.34 -5.75
CA TRP B 228 -5.93 12.37 -6.08
C TRP B 228 -5.28 13.64 -5.50
N ALA B 229 -4.91 13.55 -4.23
CA ALA B 229 -4.48 14.77 -3.53
C ALA B 229 -3.14 15.29 -4.07
N SER B 230 -2.17 14.39 -4.29
CA SER B 230 -0.84 14.81 -4.75
C SER B 230 -0.90 15.62 -6.04
N LEU B 231 -2.02 15.56 -6.76
CA LEU B 231 -2.22 16.39 -7.93
C LEU B 231 -2.39 17.86 -7.55
N GLU B 232 -3.00 18.12 -6.40
CA GLU B 232 -3.17 19.46 -5.85
C GLU B 232 -4.11 20.34 -6.68
N GLY B 233 -5.00 19.70 -7.43
CA GLY B 233 -5.91 20.43 -8.29
C GLY B 233 -5.24 21.09 -9.48
N LYS B 234 -3.99 20.76 -9.75
CA LYS B 234 -3.23 21.44 -10.79
C LYS B 234 -3.04 20.51 -11.99
N GLY B 235 -2.73 21.12 -13.13
CA GLY B 235 -2.35 20.38 -14.30
C GLY B 235 -3.46 19.61 -14.97
N THR B 236 -4.66 20.06 -14.87
CA THR B 236 -5.65 19.27 -15.58
C THR B 236 -6.08 19.97 -16.86
N PRO B 237 -6.53 19.23 -17.86
CA PRO B 237 -7.00 19.85 -19.10
C PRO B 237 -8.31 20.58 -18.90
N GLU B 238 -8.68 21.38 -19.91
CA GLU B 238 -9.94 22.09 -19.86
C GLU B 238 -11.08 21.09 -19.71
N GLY B 239 -12.02 21.40 -18.82
CA GLY B 239 -13.18 20.57 -18.55
C GLY B 239 -12.98 19.48 -17.51
N ILE B 240 -11.80 19.38 -16.92
CA ILE B 240 -11.47 18.39 -15.89
C ILE B 240 -11.24 19.14 -14.59
N TYR B 241 -11.98 18.78 -13.54
CA TYR B 241 -11.95 19.54 -12.29
C TYR B 241 -11.49 18.66 -11.14
N ALA B 242 -10.26 18.90 -10.70
CA ALA B 242 -9.62 18.15 -9.62
C ALA B 242 -9.81 18.96 -8.34
N LEU B 243 -10.72 18.50 -7.49
CA LEU B 243 -11.13 19.26 -6.33
C LEU B 243 -10.44 18.84 -5.03
N ASP B 244 -9.65 17.77 -5.02
CA ASP B 244 -9.02 17.29 -3.78
C ASP B 244 -7.69 18.02 -3.54
N THR B 245 -7.70 19.02 -2.65
CA THR B 245 -6.51 19.81 -2.34
C THR B 245 -5.96 19.49 -0.95
N GLY B 246 -6.32 18.34 -0.39
CA GLY B 246 -5.61 17.84 0.77
C GLY B 246 -5.93 18.49 2.10
N CYS B 247 -7.19 18.83 2.33
CA CYS B 247 -7.53 19.53 3.57
C CYS B 247 -7.01 18.77 4.79
N CYS B 248 -7.39 17.49 4.91
CA CYS B 248 -7.02 16.73 6.09
C CYS B 248 -5.51 16.63 6.27
N TRP B 249 -4.74 16.80 5.20
CA TRP B 249 -3.29 16.70 5.22
C TRP B 249 -2.60 18.01 5.53
N GLY B 250 -3.35 19.05 5.86
CA GLY B 250 -2.76 20.37 6.00
C GLY B 250 -2.82 21.24 4.76
N GLY B 251 -3.49 20.80 3.71
CA GLY B 251 -3.70 21.63 2.54
C GLY B 251 -4.90 22.54 2.69
N THR B 252 -5.85 22.47 1.74
CA THR B 252 -7.02 23.34 1.76
C THR B 252 -8.26 22.53 1.35
N LEU B 253 -9.42 23.04 1.78
CA LEU B 253 -10.71 22.55 1.31
C LEU B 253 -11.18 23.46 0.19
N THR B 254 -11.44 22.88 -0.98
CA THR B 254 -11.68 23.63 -2.19
C THR B 254 -13.15 23.49 -2.61
N CYS B 255 -13.75 24.62 -2.96
CA CYS B 255 -15.15 24.68 -3.38
C CYS B 255 -15.23 25.38 -4.72
N LEU B 256 -15.97 24.80 -5.66
CA LEU B 256 -16.17 25.35 -6.99
C LEU B 256 -17.65 25.68 -7.20
N ARG B 257 -17.95 26.96 -7.46
CA ARG B 257 -19.29 27.37 -7.84
C ARG B 257 -19.46 27.22 -9.35
N TRP B 258 -20.45 26.43 -9.75
CA TRP B 258 -20.55 25.99 -11.13
C TRP B 258 -21.01 27.11 -12.06
N GLU B 259 -21.94 27.96 -11.63
CA GLU B 259 -22.51 28.94 -12.54
C GLU B 259 -21.42 29.79 -13.21
N ASP B 260 -20.47 30.30 -12.42
CA ASP B 260 -19.42 31.15 -12.92
C ASP B 260 -18.04 30.53 -12.76
N LYS B 261 -17.95 29.27 -12.38
CA LYS B 261 -16.66 28.60 -12.19
C LYS B 261 -15.79 29.37 -11.21
N GLN B 262 -16.41 29.83 -10.13
CA GLN B 262 -15.69 30.63 -9.14
C GLN B 262 -15.17 29.74 -8.01
N TYR B 263 -13.90 29.86 -7.68
CA TYR B 263 -13.29 29.03 -6.63
C TYR B 263 -13.28 29.73 -5.27
N PHE B 264 -13.49 28.97 -4.22
CA PHE B 264 -13.36 29.39 -2.83
C PHE B 264 -12.50 28.39 -2.07
N VAL B 265 -11.62 28.88 -1.22
CA VAL B 265 -10.69 27.98 -0.55
C VAL B 265 -10.73 28.25 0.95
N GLN B 266 -10.75 27.17 1.73
CA GLN B 266 -10.71 27.22 3.17
C GLN B 266 -9.41 26.61 3.68
N PRO B 267 -8.54 27.38 4.32
CA PRO B 267 -7.29 26.81 4.86
C PRO B 267 -7.57 25.66 5.81
N SER B 268 -6.67 24.68 5.80
CA SER B 268 -6.77 23.60 6.77
C SER B 268 -6.67 24.15 8.19
N ASN B 269 -7.48 23.60 9.09
CA ASN B 269 -7.37 23.97 10.49
C ASN B 269 -6.16 23.33 11.15
N ARG B 270 -5.71 22.19 10.65
CA ARG B 270 -4.47 21.59 11.11
C ARG B 270 -3.37 22.64 11.06
MN MN C . 11.08 -3.52 3.01
S SO4 D . 4.94 -6.30 2.31
O1 SO4 D . 6.36 -6.16 1.93
O2 SO4 D . 4.61 -7.67 2.77
O3 SO4 D . 4.68 -5.34 3.38
O4 SO4 D . 4.14 -5.98 1.13
S SO4 E . 27.49 -18.45 -4.60
O1 SO4 E . 28.72 -19.10 -4.16
O2 SO4 E . 26.67 -19.36 -5.44
O3 SO4 E . 26.73 -18.06 -3.41
O4 SO4 E . 27.81 -17.24 -5.35
N1 EPE F . -9.06 -8.29 4.28
C2 EPE F . -8.87 -9.74 4.46
C3 EPE F . -8.98 -10.52 3.14
N4 EPE F . -10.11 -10.12 2.31
C5 EPE F . -10.41 -8.71 2.25
C6 EPE F . -10.35 -8.02 3.61
C7 EPE F . -10.39 -10.89 1.10
C8 EPE F . -10.14 -12.38 1.21
O8 EPE F . -10.65 -12.87 2.44
C9 EPE F . -9.07 -7.60 5.59
C10 EPE F . -7.70 -6.98 5.84
S EPE F . -7.55 -5.83 7.22
O1S EPE F . -8.53 -6.03 8.28
O2S EPE F . -6.23 -6.03 7.81
O3S EPE F . -7.63 -4.47 6.67
H21 EPE F . -9.63 -10.12 5.15
H22 EPE F . -7.90 -9.92 4.91
H31 EPE F . -9.05 -11.58 3.36
H32 EPE F . -8.06 -10.34 2.57
H51 EPE F . -11.41 -8.58 1.83
H52 EPE F . -9.69 -8.23 1.58
H61 EPE F . -11.17 -8.36 4.23
H62 EPE F . -10.46 -6.94 3.47
H71 EPE F . -9.78 -10.48 0.29
H72 EPE F . -11.44 -10.73 0.83
H81 EPE F . -9.06 -12.57 1.18
H82 EPE F . -10.60 -12.90 0.39
HO8 EPE F . -10.99 -13.78 2.31
H91 EPE F . -9.84 -6.82 5.60
H92 EPE F . -9.31 -8.30 6.38
H101 EPE F . -6.99 -7.79 6.00
H102 EPE F . -7.41 -6.45 4.93
MN MN G . -8.83 10.81 -0.80
S SO4 H . -5.28 5.82 -1.92
O1 SO4 H . -3.97 6.35 -2.29
O2 SO4 H . -5.82 5.04 -3.05
O3 SO4 H . -5.17 4.94 -0.74
O4 SO4 H . -6.14 6.96 -1.56
S SO4 I . -30.70 -7.97 -2.84
O1 SO4 I . -29.91 -8.69 -1.83
O2 SO4 I . -31.74 -8.85 -3.38
O3 SO4 I . -31.32 -6.80 -2.20
O4 SO4 I . -29.87 -7.52 -3.97
S SO4 J . -21.51 26.49 -18.48
O1 SO4 J . -20.77 25.28 -18.03
O2 SO4 J . -22.40 27.03 -17.45
O3 SO4 J . -20.56 27.52 -18.93
O4 SO4 J . -22.37 26.19 -19.62
#